data_7PL5
#
_entry.id   7PL5
#
_cell.length_a   45.299
_cell.length_b   96.143
_cell.length_c   49.096
_cell.angle_alpha   90.000
_cell.angle_beta   100.966
_cell.angle_gamma   90.000
#
_symmetry.space_group_name_H-M   'P 1 21 1'
#
loop_
_entity.id
_entity.type
_entity.pdbx_description
1 polymer 'Putative endo-beta-N-acetylglucosaminidase'
2 non-polymer 'CHOLINE ION'
3 non-polymer 'ZINC ION'
4 non-polymer 'TRIETHYLENE GLYCOL'
5 water water
#
_entity_poly.entity_id   1
_entity_poly.type   'polypeptide(L)'
_entity_poly.pdbx_seq_one_letter_code
;SDGTWQGKQYLKEDGSQAANEWVFDTHYQSWFYIKADANYAENEWLKQGDDYFYLKSGGYMAKSEWVEDKGAFYYLDQDG
KMKRNAWVGTSYVGATGAKVIEDWVYDSQYDAWFYIKADGQHAEKEWLQIKGKDYYFKSGGYLLTSQWINQAYVNASGAK
VQQGWLFDKQYQSWFYIKENGNYAD
;
_entity_poly.pdbx_strand_id   AAA,BBB
#
# COMPACT_ATOMS: atom_id res chain seq x y z
N SER A 1 -12.31 29.78 17.93
CA SER A 1 -11.18 29.65 18.83
C SER A 1 -10.28 30.86 18.69
N ASP A 2 -9.66 31.30 19.77
CA ASP A 2 -8.66 32.39 19.72
C ASP A 2 -7.25 31.82 19.62
N GLY A 3 -7.11 30.49 19.55
CA GLY A 3 -5.79 29.85 19.30
C GLY A 3 -5.22 30.24 17.96
N THR A 4 -3.90 30.42 17.84
CA THR A 4 -3.31 30.92 16.57
C THR A 4 -1.96 30.23 16.35
N TRP A 5 -1.67 29.90 15.10
CA TRP A 5 -0.35 29.43 14.65
C TRP A 5 0.54 30.65 14.39
N GLN A 6 1.75 30.64 14.93
CA GLN A 6 2.80 31.65 14.63
C GLN A 6 4.00 30.84 14.14
N GLY A 7 4.20 30.74 12.81
CA GLY A 7 5.06 29.71 12.20
C GLY A 7 4.67 28.30 12.64
N LYS A 8 5.60 27.54 13.22
CA LYS A 8 5.34 26.14 13.61
C LYS A 8 4.85 26.06 15.07
N GLN A 9 4.59 27.19 15.66
CA GLN A 9 4.22 27.28 17.09
C GLN A 9 2.74 27.60 17.18
N TYR A 10 2.16 27.22 18.30
CA TYR A 10 0.71 27.39 18.55
C TYR A 10 0.52 28.13 19.86
N LEU A 11 -0.16 29.26 19.78
CA LEU A 11 -0.62 29.96 21.01
C LEU A 11 -2.03 29.49 21.33
N LYS A 12 -2.24 29.02 22.57
CA LYS A 12 -3.55 28.49 23.04
C LYS A 12 -4.52 29.66 23.24
N GLU A 13 -5.79 29.35 23.45
CA GLU A 13 -6.91 30.32 23.68
C GLU A 13 -6.49 31.37 24.73
N ASP A 14 -5.83 30.94 25.80
CA ASP A 14 -5.49 31.84 26.94
C ASP A 14 -4.19 32.59 26.60
N GLY A 15 -3.63 32.41 25.41
CA GLY A 15 -2.39 33.12 25.00
C GLY A 15 -1.12 32.41 25.45
N SER A 16 -1.18 31.33 26.24
CA SER A 16 0.01 30.51 26.58
C SER A 16 0.51 29.73 25.35
N GLN A 17 1.83 29.57 25.30
CA GLN A 17 2.58 28.82 24.27
C GLN A 17 2.38 27.32 24.51
N ALA A 18 1.84 26.57 23.54
CA ALA A 18 1.70 25.12 23.69
C ALA A 18 3.09 24.46 23.56
N ALA A 19 3.34 23.39 24.33
CA ALA A 19 4.57 22.60 24.19
C ALA A 19 4.41 21.25 24.89
N ASN A 20 4.99 20.21 24.33
CA ASN A 20 4.82 18.83 24.84
C ASN A 20 3.38 18.49 25.07
N GLU A 21 2.51 18.80 24.11
CA GLU A 21 1.08 18.46 24.34
C GLU A 21 0.40 18.32 23.00
N TRP A 22 -0.72 17.64 23.03
CA TRP A 22 -1.65 17.62 21.89
C TRP A 22 -2.41 18.95 21.94
N VAL A 23 -2.73 19.52 20.78
CA VAL A 23 -3.77 20.57 20.69
C VAL A 23 -4.77 20.17 19.60
N PHE A 24 -6.01 20.49 19.83
CA PHE A 24 -7.02 20.33 18.78
C PHE A 24 -7.37 21.73 18.30
N ASP A 25 -7.10 22.02 17.05
CA ASP A 25 -7.35 23.36 16.51
C ASP A 25 -8.63 23.29 15.70
N THR A 26 -9.69 23.91 16.23
CA THR A 26 -11.04 23.88 15.61
C THR A 26 -10.96 24.55 14.25
N HIS A 27 -9.96 25.40 14.03
CA HIS A 27 -9.83 26.10 12.72
C HIS A 27 -9.48 25.11 11.60
N TYR A 28 -8.80 24.03 11.94
CA TYR A 28 -8.46 22.94 11.00
C TYR A 28 -9.33 21.72 11.30
N GLN A 29 -10.04 21.66 12.45
CA GLN A 29 -10.74 20.46 13.03
C GLN A 29 -9.76 19.27 13.05
N SER A 30 -8.56 19.53 13.55
CA SER A 30 -7.50 18.54 13.51
C SER A 30 -6.76 18.60 14.84
N TRP A 31 -6.35 17.43 15.31
CA TRP A 31 -5.31 17.28 16.36
C TRP A 31 -3.96 17.61 15.73
N PHE A 32 -3.06 18.07 16.60
CA PHE A 32 -1.64 18.37 16.29
C PHE A 32 -0.88 18.05 17.56
N TYR A 33 0.35 17.62 17.41
CA TYR A 33 1.20 17.40 18.58
C TYR A 33 2.31 18.45 18.58
N ILE A 34 2.37 19.13 19.69
CA ILE A 34 3.39 20.20 19.86
C ILE A 34 4.50 19.61 20.71
N LYS A 35 5.68 19.63 20.15
CA LYS A 35 6.89 19.04 20.80
C LYS A 35 7.42 19.96 21.91
N ALA A 36 8.42 19.47 22.65
CA ALA A 36 8.99 20.18 23.80
C ALA A 36 9.57 21.55 23.36
N ASP A 37 10.00 21.67 22.13
CA ASP A 37 10.57 22.90 21.53
C ASP A 37 9.47 23.81 20.99
N ALA A 38 8.20 23.56 21.35
CA ALA A 38 7.02 24.36 20.95
C ALA A 38 6.79 24.32 19.43
N ASN A 39 7.42 23.44 18.66
CA ASN A 39 7.11 23.26 17.24
C ASN A 39 6.17 22.05 17.04
N TYR A 40 5.23 22.10 16.09
CA TYR A 40 4.34 20.94 15.81
C TYR A 40 5.20 19.81 15.23
N ALA A 41 4.92 18.58 15.62
CA ALA A 41 5.52 17.38 15.03
C ALA A 41 4.99 17.27 13.58
N GLU A 42 5.86 16.94 12.64
CA GLU A 42 5.53 16.86 11.18
C GLU A 42 6.28 15.68 10.57
N ASN A 43 5.59 14.81 9.83
CA ASN A 43 6.17 13.68 9.05
C ASN A 43 6.92 12.78 10.01
N GLU A 44 6.28 12.44 11.12
CA GLU A 44 6.95 11.65 12.16
C GLU A 44 5.96 10.88 13.01
N TRP A 45 6.48 9.86 13.65
CA TRP A 45 5.72 8.99 14.58
C TRP A 45 5.78 9.61 15.96
N LEU A 46 4.73 9.39 16.73
CA LEU A 46 4.74 9.70 18.17
C LEU A 46 4.27 8.48 18.91
N LYS A 47 5.12 8.02 19.82
CA LYS A 47 4.78 6.94 20.76
C LYS A 47 4.19 7.57 22.02
N GLN A 48 3.05 7.05 22.44
CA GLN A 48 2.35 7.49 23.68
C GLN A 48 1.79 6.25 24.34
N GLY A 49 2.44 5.83 25.42
CA GLY A 49 2.21 4.48 25.99
C GLY A 49 2.53 3.41 24.98
N ASP A 50 1.60 2.48 24.80
CA ASP A 50 1.71 1.37 23.80
C ASP A 50 1.43 1.92 22.39
N ASP A 51 0.76 3.09 22.31
CA ASP A 51 0.03 3.54 21.09
C ASP A 51 0.98 4.32 20.22
N TYR A 52 0.80 4.22 18.90
CA TYR A 52 1.55 5.06 17.94
C TYR A 52 0.59 5.98 17.19
N PHE A 53 1.04 7.21 16.95
CA PHE A 53 0.34 8.21 16.13
C PHE A 53 1.31 8.68 15.08
N TYR A 54 0.75 9.10 13.97
CA TYR A 54 1.54 9.66 12.88
C TYR A 54 1.08 11.09 12.63
N LEU A 55 2.06 11.99 12.64
CA LEU A 55 1.84 13.40 12.26
C LEU A 55 2.30 13.59 10.83
N LYS A 56 1.36 13.99 10.01
CA LYS A 56 1.63 14.18 8.56
C LYS A 56 2.30 15.52 8.31
N SER A 57 2.55 15.77 7.04
CA SER A 57 3.07 17.08 6.57
C SER A 57 2.08 18.15 6.98
N GLY A 58 2.57 19.25 7.58
CA GLY A 58 1.70 20.32 8.11
C GLY A 58 1.21 20.01 9.53
N GLY A 59 1.61 18.85 10.07
CA GLY A 59 1.38 18.41 11.47
C GLY A 59 0.02 17.73 11.73
N TYR A 60 -0.83 17.62 10.74
CA TYR A 60 -2.17 17.00 10.95
C TYR A 60 -2.01 15.59 11.45
N MET A 61 -2.72 15.22 12.51
CA MET A 61 -2.68 13.83 12.94
C MET A 61 -3.30 12.96 11.79
N ALA A 62 -2.66 11.86 11.40
CA ALA A 62 -3.28 10.87 10.51
C ALA A 62 -4.43 10.21 11.26
N LYS A 63 -5.53 9.94 10.60
CA LYS A 63 -6.67 9.24 11.20
C LYS A 63 -7.52 8.61 10.09
N SER A 64 -7.97 7.41 10.34
CA SER A 64 -8.75 6.56 9.38
C SER A 64 -8.05 6.54 8.04
N GLU A 65 -6.75 6.32 8.05
CA GLU A 65 -5.99 6.43 6.79
C GLU A 65 -4.76 5.56 6.81
N TRP A 66 -4.34 5.26 5.59
CA TRP A 66 -3.09 4.51 5.32
C TRP A 66 -1.95 5.47 5.10
N VAL A 67 -0.84 5.20 5.76
CA VAL A 67 0.39 5.98 5.61
C VAL A 67 1.47 4.99 5.17
N GLU A 68 2.30 5.43 4.24
CA GLU A 68 3.52 4.71 3.80
C GLU A 68 4.73 5.30 4.51
N ASP A 69 5.51 4.45 5.17
CA ASP A 69 6.76 4.81 5.87
C ASP A 69 7.81 3.72 5.60
N LYS A 70 8.92 4.07 4.98
CA LYS A 70 10.05 3.16 4.69
C LYS A 70 9.50 1.94 3.95
N GLY A 71 8.61 2.18 2.98
CA GLY A 71 8.14 1.12 2.08
C GLY A 71 7.12 0.22 2.75
N ALA A 72 6.65 0.53 3.96
CA ALA A 72 5.59 -0.26 4.66
C ALA A 72 4.38 0.63 4.82
N PHE A 73 3.22 0.01 4.76
CA PHE A 73 1.92 0.67 4.93
C PHE A 73 1.43 0.44 6.37
N TYR A 74 0.98 1.53 6.98
CA TYR A 74 0.41 1.56 8.36
C TYR A 74 -0.97 2.19 8.34
N TYR A 75 -1.89 1.62 9.10
CA TYR A 75 -3.26 2.18 9.20
C TYR A 75 -3.46 2.87 10.57
N LEU A 76 -3.81 4.16 10.55
CA LEU A 76 -4.27 4.89 11.73
C LEU A 76 -5.81 4.83 11.80
N ASP A 77 -6.34 4.43 12.96
CA ASP A 77 -7.79 4.35 13.24
C ASP A 77 -8.38 5.78 13.42
N GLN A 78 -9.70 5.85 13.65
CA GLN A 78 -10.54 7.07 13.80
C GLN A 78 -9.94 8.04 14.84
N ASP A 79 -9.24 7.51 15.85
CA ASP A 79 -8.64 8.28 16.97
C ASP A 79 -7.15 8.56 16.74
N GLY A 80 -6.63 8.19 15.57
CA GLY A 80 -5.23 8.41 15.22
C GLY A 80 -4.33 7.25 15.64
N LYS A 81 -4.83 6.27 16.39
CA LYS A 81 -3.97 5.18 16.91
C LYS A 81 -3.68 4.17 15.78
N MET A 82 -2.43 3.85 15.63
CA MET A 82 -1.95 2.82 14.69
C MET A 82 -2.58 1.47 15.04
N LYS A 83 -3.24 0.84 14.08
CA LYS A 83 -3.82 -0.51 14.25
C LYS A 83 -2.69 -1.53 14.25
N ARG A 84 -2.84 -2.57 15.06
CA ARG A 84 -1.89 -3.73 15.10
C ARG A 84 -2.69 -5.03 15.16
N ASN A 85 -2.20 -6.11 14.55
CA ASN A 85 -2.81 -7.47 14.63
C ASN A 85 -4.28 -7.42 14.22
N ALA A 86 -4.59 -6.98 13.00
CA ALA A 86 -6.01 -6.86 12.58
C ALA A 86 -6.09 -6.83 11.04
N TRP A 87 -7.24 -7.21 10.57
CA TRP A 87 -7.67 -6.98 9.21
C TRP A 87 -8.16 -5.54 9.10
N VAL A 88 -7.58 -4.82 8.16
CA VAL A 88 -8.05 -3.49 7.75
C VAL A 88 -8.46 -3.67 6.30
N GLY A 89 -9.75 -3.85 6.06
CA GLY A 89 -10.27 -4.30 4.75
C GLY A 89 -9.68 -5.65 4.35
N THR A 90 -9.02 -5.73 3.23
CA THR A 90 -8.42 -7.01 2.75
C THR A 90 -6.96 -7.11 3.18
N SER A 91 -6.45 -6.13 3.91
CA SER A 91 -5.02 -6.09 4.34
C SER A 91 -5.01 -6.57 5.78
N TYR A 92 -3.87 -7.13 6.19
CA TYR A 92 -3.63 -7.50 7.58
C TYR A 92 -2.44 -6.70 8.06
N VAL A 93 -2.62 -6.00 9.18
CA VAL A 93 -1.47 -5.32 9.82
C VAL A 93 -0.98 -6.17 10.97
N GLY A 94 0.33 -6.35 11.05
CA GLY A 94 0.98 -7.25 12.01
C GLY A 94 1.29 -6.55 13.31
N ALA A 95 2.26 -7.12 14.02
CA ALA A 95 2.64 -6.72 15.39
C ALA A 95 3.17 -5.29 15.41
N THR A 96 3.92 -4.87 14.39
CA THR A 96 4.53 -3.53 14.36
C THR A 96 3.60 -2.50 13.73
N GLY A 97 2.41 -2.92 13.32
CA GLY A 97 1.47 -2.10 12.55
C GLY A 97 1.67 -2.18 11.03
N ALA A 98 2.81 -2.69 10.57
CA ALA A 98 3.10 -2.77 9.12
C ALA A 98 2.16 -3.80 8.45
N LYS A 99 1.57 -3.41 7.32
CA LYS A 99 0.81 -4.34 6.51
C LYS A 99 1.70 -5.56 6.18
N VAL A 100 1.19 -6.74 6.50
CA VAL A 100 1.92 -8.01 6.26
C VAL A 100 1.93 -8.30 4.76
N ILE A 101 3.11 -8.59 4.25
CA ILE A 101 3.20 -9.14 2.89
C ILE A 101 4.22 -10.28 2.86
N GLU A 102 3.97 -11.25 1.97
CA GLU A 102 4.80 -12.44 1.83
C GLU A 102 5.03 -13.08 3.18
N ASP A 103 3.98 -13.46 3.86
CA ASP A 103 4.17 -14.08 5.19
C ASP A 103 2.88 -14.68 5.65
N TRP A 104 3.04 -15.60 6.57
CA TRP A 104 1.95 -16.30 7.29
C TRP A 104 1.31 -15.35 8.27
N VAL A 105 0.01 -15.52 8.47
CA VAL A 105 -0.72 -14.81 9.54
C VAL A 105 -1.56 -15.84 10.26
N TYR A 106 -1.43 -15.95 11.55
CA TYR A 106 -2.37 -16.77 12.34
C TYR A 106 -3.36 -15.81 12.94
N ASP A 107 -4.64 -15.97 12.65
CA ASP A 107 -5.65 -15.09 13.23
C ASP A 107 -6.46 -15.95 14.20
N SER A 108 -6.41 -15.63 15.49
CA SER A 108 -7.11 -16.41 16.54
C SER A 108 -8.62 -16.29 16.37
N GLN A 109 -9.14 -15.21 15.78
CA GLN A 109 -10.60 -15.05 15.62
C GLN A 109 -11.17 -15.96 14.55
N TYR A 110 -10.40 -16.39 13.55
CA TYR A 110 -10.84 -17.43 12.64
C TYR A 110 -10.20 -18.77 12.99
N ASP A 111 -9.31 -18.81 13.98
CA ASP A 111 -8.50 -20.00 14.31
C ASP A 111 -7.98 -20.67 13.03
N ALA A 112 -7.22 -19.92 12.25
CA ALA A 112 -6.85 -20.28 10.88
C ALA A 112 -5.58 -19.53 10.53
N TRP A 113 -4.76 -20.20 9.72
CA TRP A 113 -3.60 -19.55 9.08
C TRP A 113 -4.03 -18.95 7.74
N PHE A 114 -3.39 -17.85 7.40
CA PHE A 114 -3.53 -17.21 6.08
C PHE A 114 -2.12 -16.98 5.59
N TYR A 115 -1.98 -16.74 4.32
CA TYR A 115 -0.73 -16.35 3.69
C TYR A 115 -1.03 -15.11 2.88
N ILE A 116 -0.28 -14.06 3.12
CA ILE A 116 -0.35 -12.86 2.28
C ILE A 116 0.77 -13.01 1.28
N LYS A 117 0.40 -13.01 0.02
CA LYS A 117 1.37 -13.07 -1.10
C LYS A 117 2.20 -11.78 -1.06
N ALA A 118 3.35 -11.80 -1.70
CA ALA A 118 4.19 -10.58 -1.82
C ALA A 118 3.34 -9.42 -2.33
N ASP A 119 2.31 -9.69 -3.15
CA ASP A 119 1.48 -8.63 -3.79
C ASP A 119 0.50 -8.03 -2.78
N GLY A 120 0.54 -8.40 -1.49
CA GLY A 120 -0.32 -7.88 -0.42
C GLY A 120 -1.71 -8.46 -0.39
N GLN A 121 -2.04 -9.47 -1.21
CA GLN A 121 -3.39 -10.08 -1.18
C GLN A 121 -3.29 -11.46 -0.49
N HIS A 122 -4.26 -11.84 0.33
CA HIS A 122 -4.26 -13.18 0.94
C HIS A 122 -4.45 -14.22 -0.17
N ALA A 123 -3.76 -15.34 -0.04
CA ALA A 123 -3.98 -16.52 -0.91
C ALA A 123 -5.46 -16.91 -0.76
N GLU A 124 -6.09 -17.35 -1.83
CA GLU A 124 -7.53 -17.70 -1.75
C GLU A 124 -7.86 -18.69 -2.85
N LYS A 125 -8.52 -19.77 -2.46
CA LYS A 125 -8.99 -20.89 -3.31
C LYS A 125 -7.88 -21.18 -4.28
N GLU A 126 -6.73 -21.56 -3.76
CA GLU A 126 -5.60 -21.84 -4.66
C GLU A 126 -4.47 -22.54 -3.93
N TRP A 127 -3.61 -23.17 -4.74
CA TRP A 127 -2.33 -23.71 -4.32
C TRP A 127 -1.29 -22.61 -4.38
N LEU A 128 -0.40 -22.57 -3.41
CA LEU A 128 0.82 -21.77 -3.58
C LEU A 128 2.00 -22.65 -3.15
N GLN A 129 3.17 -22.34 -3.67
CA GLN A 129 4.45 -22.92 -3.19
C GLN A 129 5.12 -21.86 -2.34
N ILE A 130 5.33 -22.18 -1.06
CA ILE A 130 5.85 -21.23 -0.07
C ILE A 130 7.09 -21.91 0.51
N LYS A 131 8.24 -21.34 0.22
CA LYS A 131 9.52 -21.89 0.73
C LYS A 131 9.69 -23.31 0.22
N GLY A 132 9.30 -23.58 -1.02
CA GLY A 132 9.54 -24.91 -1.59
C GLY A 132 8.50 -25.94 -1.22
N LYS A 133 7.47 -25.59 -0.43
CA LYS A 133 6.40 -26.59 -0.14
C LYS A 133 5.05 -26.12 -0.64
N ASP A 134 4.12 -27.07 -0.85
CA ASP A 134 2.81 -26.75 -1.47
C ASP A 134 1.72 -26.66 -0.39
N TYR A 135 0.97 -25.59 -0.43
CA TYR A 135 -0.10 -25.25 0.55
C TYR A 135 -1.30 -24.75 -0.25
N TYR A 136 -2.44 -25.21 0.22
CA TYR A 136 -3.77 -24.92 -0.40
C TYR A 136 -4.60 -24.03 0.54
N PHE A 137 -5.10 -22.95 0.00
CA PHE A 137 -5.95 -22.00 0.73
C PHE A 137 -7.38 -22.05 0.18
N LYS A 138 -8.34 -22.13 1.08
CA LYS A 138 -9.79 -22.28 0.79
C LYS A 138 -10.34 -20.88 0.50
N SER A 139 -11.59 -20.80 0.10
CA SER A 139 -12.41 -19.57 0.13
C SER A 139 -12.28 -18.88 1.50
N GLY A 140 -12.07 -17.58 1.51
CA GLY A 140 -11.89 -16.79 2.72
C GLY A 140 -10.40 -16.74 3.04
N GLY A 141 -9.59 -17.59 2.44
CA GLY A 141 -8.12 -17.56 2.63
C GLY A 141 -7.60 -18.59 3.62
N TYR A 142 -8.47 -19.38 4.25
CA TYR A 142 -8.09 -20.30 5.35
C TYR A 142 -7.18 -21.40 4.79
N LEU A 143 -5.99 -21.58 5.36
CA LEU A 143 -5.07 -22.70 5.04
C LEU A 143 -5.80 -24.00 5.34
N LEU A 144 -5.84 -24.93 4.41
CA LEU A 144 -6.33 -26.30 4.68
C LEU A 144 -5.25 -27.13 5.33
N THR A 145 -5.63 -27.86 6.38
CA THR A 145 -4.72 -28.72 7.16
C THR A 145 -5.34 -30.10 7.34
N SER A 146 -4.49 -31.12 7.35
CA SER A 146 -4.85 -32.51 7.73
C SER A 146 -6.07 -32.96 6.93
N GLN A 147 -5.98 -32.92 5.59
CA GLN A 147 -7.07 -33.44 4.73
C GLN A 147 -6.62 -33.67 3.31
N TRP A 148 -7.43 -34.45 2.59
CA TRP A 148 -7.22 -34.76 1.18
C TRP A 148 -7.69 -33.57 0.37
N ILE A 149 -6.93 -33.21 -0.63
CA ILE A 149 -7.36 -32.22 -1.62
C ILE A 149 -7.16 -32.88 -2.96
N ASN A 150 -8.26 -33.37 -3.56
CA ASN A 150 -8.17 -34.15 -4.81
C ASN A 150 -7.35 -35.41 -4.44
N GLN A 151 -6.20 -35.62 -5.07
CA GLN A 151 -5.37 -36.82 -4.84
C GLN A 151 -4.28 -36.52 -3.79
N ALA A 152 -4.11 -35.27 -3.38
CA ALA A 152 -3.03 -34.82 -2.49
C ALA A 152 -3.49 -34.88 -1.03
N TYR A 153 -2.53 -35.00 -0.13
CA TYR A 153 -2.83 -34.93 1.31
C TYR A 153 -2.02 -33.82 1.92
N VAL A 154 -2.67 -32.94 2.68
CA VAL A 154 -1.92 -31.83 3.33
C VAL A 154 -1.88 -32.15 4.82
N ASN A 155 -0.75 -31.96 5.42
CA ASN A 155 -0.58 -32.39 6.82
C ASN A 155 -1.01 -31.27 7.77
N ALA A 156 -0.74 -31.44 9.06
CA ALA A 156 -1.22 -30.53 10.11
C ALA A 156 -0.59 -29.14 9.89
N SER A 157 0.58 -29.04 9.26
CA SER A 157 1.22 -27.72 8.96
C SER A 157 0.64 -27.14 7.66
N GLY A 158 -0.23 -27.90 7.00
CA GLY A 158 -0.79 -27.54 5.69
C GLY A 158 0.03 -27.94 4.45
N ALA A 159 1.24 -28.45 4.62
CA ALA A 159 2.16 -28.80 3.55
C ALA A 159 1.68 -30.09 2.92
N LYS A 160 1.70 -30.13 1.58
CA LYS A 160 1.35 -31.35 0.86
C LYS A 160 2.40 -32.40 1.24
N VAL A 161 1.98 -33.59 1.61
CA VAL A 161 2.89 -34.72 1.98
C VAL A 161 3.47 -35.32 0.67
N GLN A 162 4.76 -35.60 0.65
CA GLN A 162 5.44 -36.06 -0.60
C GLN A 162 5.35 -37.58 -0.64
N GLN A 163 5.52 -38.26 0.50
CA GLN A 163 5.59 -39.75 0.49
C GLN A 163 5.45 -40.27 1.91
N GLY A 164 4.87 -41.45 2.08
CA GLY A 164 4.91 -42.12 3.38
C GLY A 164 3.57 -42.65 3.75
N TRP A 165 3.49 -43.26 4.92
CA TRP A 165 2.25 -43.90 5.41
C TRP A 165 1.35 -42.82 6.04
N LEU A 166 0.06 -42.97 5.90
CA LEU A 166 -0.93 -42.11 6.62
C LEU A 166 -2.05 -43.02 7.09
N PHE A 167 -2.38 -42.94 8.37
CA PHE A 167 -3.59 -43.60 8.91
C PHE A 167 -4.76 -42.62 8.81
N ASP A 168 -5.75 -42.88 7.97
CA ASP A 168 -6.87 -41.90 7.77
C ASP A 168 -7.97 -42.29 8.76
N LYS A 169 -8.35 -41.35 9.64
CA LYS A 169 -9.35 -41.53 10.72
C LYS A 169 -10.76 -41.47 10.12
N GLN A 170 -10.97 -40.64 9.08
CA GLN A 170 -12.22 -40.64 8.28
C GLN A 170 -12.50 -42.08 7.83
N TYR A 171 -11.54 -42.75 7.18
CA TYR A 171 -11.75 -44.12 6.61
C TYR A 171 -11.25 -45.19 7.59
N GLN A 172 -10.64 -44.82 8.72
CA GLN A 172 -10.02 -45.81 9.66
C GLN A 172 -9.13 -46.82 8.90
N SER A 173 -8.32 -46.41 7.91
CA SER A 173 -7.48 -47.35 7.10
C SER A 173 -6.10 -46.73 6.83
N TRP A 174 -5.09 -47.55 6.50
CA TRP A 174 -3.73 -47.09 6.12
C TRP A 174 -3.67 -46.80 4.62
N PHE A 175 -3.07 -45.66 4.25
CA PHE A 175 -2.76 -45.27 2.85
C PHE A 175 -1.28 -45.04 2.76
N TYR A 176 -0.72 -45.32 1.61
CA TYR A 176 0.70 -45.05 1.35
C TYR A 176 0.70 -43.99 0.28
N ILE A 177 1.34 -42.87 0.57
CA ILE A 177 1.43 -41.76 -0.40
C ILE A 177 2.76 -41.88 -1.16
N LYS A 178 2.75 -41.84 -2.49
CA LYS A 178 4.02 -41.86 -3.30
C LYS A 178 4.12 -40.57 -4.11
N SER B 1 -21.10 28.70 10.16
CA SER B 1 -21.95 28.42 8.99
C SER B 1 -23.32 27.98 9.46
N ASP B 2 -24.36 28.31 8.72
CA ASP B 2 -25.73 27.87 9.05
C ASP B 2 -26.06 26.59 8.29
N GLY B 3 -25.15 26.09 7.44
CA GLY B 3 -25.32 24.77 6.77
C GLY B 3 -25.48 23.65 7.82
N THR B 4 -26.28 22.62 7.54
CA THR B 4 -26.57 21.61 8.57
C THR B 4 -26.83 20.28 7.86
N TRP B 5 -26.40 19.19 8.44
CA TRP B 5 -26.73 17.82 7.98
C TRP B 5 -28.09 17.46 8.57
N GLN B 6 -29.03 17.02 7.72
CA GLN B 6 -30.28 16.36 8.21
C GLN B 6 -30.25 14.97 7.57
N GLY B 7 -29.92 13.96 8.36
CA GLY B 7 -29.61 12.61 7.86
C GLY B 7 -28.42 12.62 6.91
N LYS B 8 -28.60 12.20 5.67
CA LYS B 8 -27.48 12.17 4.69
C LYS B 8 -27.57 13.39 3.79
N GLN B 9 -28.53 14.29 4.06
CA GLN B 9 -28.78 15.51 3.24
C GLN B 9 -28.05 16.66 3.92
N TYR B 10 -27.63 17.61 3.12
CA TYR B 10 -26.95 18.81 3.60
C TYR B 10 -27.85 19.95 3.19
N LEU B 11 -28.32 20.69 4.18
CA LEU B 11 -29.11 21.91 3.91
C LEU B 11 -28.09 23.03 3.90
N LYS B 12 -28.00 23.74 2.79
CA LYS B 12 -27.07 24.87 2.53
C LYS B 12 -27.44 26.03 3.45
N GLU B 13 -26.57 27.03 3.51
CA GLU B 13 -26.78 28.30 4.28
C GLU B 13 -28.19 28.85 4.06
N ASP B 14 -28.67 28.82 2.80
CA ASP B 14 -29.98 29.43 2.47
C ASP B 14 -31.10 28.45 2.80
N GLY B 15 -30.80 27.26 3.33
CA GLY B 15 -31.84 26.28 3.71
C GLY B 15 -32.24 25.32 2.58
N SER B 16 -31.79 25.55 1.32
CA SER B 16 -32.01 24.58 0.21
C SER B 16 -31.18 23.30 0.40
N GLN B 17 -31.74 22.21 -0.11
CA GLN B 17 -31.11 20.86 -0.15
C GLN B 17 -30.04 20.77 -1.24
N ALA B 18 -28.82 20.38 -0.88
CA ALA B 18 -27.74 20.14 -1.88
C ALA B 18 -28.06 18.89 -2.71
N ALA B 19 -27.66 18.87 -3.98
CA ALA B 19 -27.72 17.65 -4.84
C ALA B 19 -26.78 17.78 -6.02
N ASN B 20 -26.11 16.68 -6.42
CA ASN B 20 -25.23 16.66 -7.61
C ASN B 20 -24.22 17.77 -7.51
N GLU B 21 -23.57 17.95 -6.36
CA GLU B 21 -22.59 19.04 -6.20
C GLU B 21 -21.65 18.69 -5.05
N TRP B 22 -20.52 19.33 -5.07
CA TRP B 22 -19.60 19.34 -3.92
C TRP B 22 -20.14 20.34 -2.89
N VAL B 23 -20.10 20.00 -1.62
CA VAL B 23 -20.28 21.03 -0.55
C VAL B 23 -19.08 21.01 0.37
N PHE B 24 -18.65 22.17 0.81
CA PHE B 24 -17.61 22.24 1.83
C PHE B 24 -18.32 22.60 3.14
N ASP B 25 -18.25 21.74 4.13
CA ASP B 25 -18.85 22.03 5.43
C ASP B 25 -17.78 22.52 6.39
N THR B 26 -17.82 23.80 6.73
CA THR B 26 -16.80 24.43 7.63
C THR B 26 -16.92 23.80 9.00
N HIS B 27 -18.03 23.15 9.34
CA HIS B 27 -18.13 22.51 10.70
C HIS B 27 -17.22 21.29 10.79
N TYR B 28 -16.95 20.65 9.67
CA TYR B 28 -16.03 19.51 9.54
C TYR B 28 -14.72 19.93 8.86
N GLN B 29 -14.63 21.13 8.30
CA GLN B 29 -13.53 21.60 7.40
C GLN B 29 -13.27 20.55 6.32
N SER B 30 -14.32 20.11 5.66
CA SER B 30 -14.16 19.01 4.72
C SER B 30 -15.11 19.24 3.55
N TRP B 31 -14.64 18.85 2.37
CA TRP B 31 -15.48 18.59 1.18
C TRP B 31 -16.25 17.31 1.40
N PHE B 32 -17.43 17.33 0.81
CA PHE B 32 -18.38 16.22 0.72
C PHE B 32 -19.00 16.30 -0.69
N TYR B 33 -19.37 15.17 -1.24
CA TYR B 33 -20.03 15.14 -2.56
C TYR B 33 -21.44 14.65 -2.34
N ILE B 34 -22.36 15.47 -2.82
CA ILE B 34 -23.79 15.19 -2.67
C ILE B 34 -24.27 14.66 -4.03
N LYS B 35 -24.74 13.43 -4.01
CA LYS B 35 -25.18 12.70 -5.22
C LYS B 35 -26.52 13.24 -5.72
N ALA B 36 -26.98 12.72 -6.86
CA ALA B 36 -28.22 13.11 -7.54
C ALA B 36 -29.43 12.91 -6.61
N ASP B 37 -29.37 11.93 -5.70
CA ASP B 37 -30.47 11.62 -4.73
C ASP B 37 -30.29 12.46 -3.45
N ALA B 38 -29.53 13.55 -3.53
CA ALA B 38 -29.21 14.46 -2.41
C ALA B 38 -28.69 13.71 -1.17
N ASN B 39 -28.13 12.50 -1.29
CA ASN B 39 -27.41 11.80 -0.20
C ASN B 39 -25.91 12.01 -0.41
N TYR B 40 -25.14 12.15 0.68
CA TYR B 40 -23.65 12.32 0.53
C TYR B 40 -23.05 10.98 0.06
N ALA B 41 -22.18 11.05 -0.95
CA ALA B 41 -21.40 9.88 -1.42
C ALA B 41 -20.46 9.44 -0.27
N GLU B 42 -20.30 8.15 -0.09
CA GLU B 42 -19.63 7.48 1.05
C GLU B 42 -19.02 6.16 0.56
N ASN B 43 -17.75 5.91 0.87
CA ASN B 43 -16.98 4.67 0.57
C ASN B 43 -17.10 4.38 -0.90
N GLU B 44 -16.89 5.39 -1.73
CA GLU B 44 -17.06 5.26 -3.18
C GLU B 44 -16.25 6.31 -3.90
N TRP B 45 -15.97 5.99 -5.14
CA TRP B 45 -15.25 6.86 -6.07
C TRP B 45 -16.24 7.80 -6.73
N LEU B 46 -15.75 8.98 -7.09
CA LEU B 46 -16.47 9.89 -7.99
C LEU B 46 -15.55 10.22 -9.14
N LYS B 47 -16.01 10.04 -10.37
CA LYS B 47 -15.29 10.53 -11.56
C LYS B 47 -15.83 11.91 -11.95
N GLN B 48 -14.95 12.86 -12.18
CA GLN B 48 -15.29 14.20 -12.68
C GLN B 48 -14.26 14.58 -13.74
N GLY B 49 -14.66 14.51 -15.01
CA GLY B 49 -13.73 14.69 -16.15
C GLY B 49 -12.68 13.60 -16.16
N ASP B 50 -11.40 14.00 -16.20
CA ASP B 50 -10.23 13.08 -16.12
C ASP B 50 -10.04 12.57 -14.68
N ASP B 51 -10.62 13.28 -13.70
CA ASP B 51 -10.21 13.21 -12.27
C ASP B 51 -11.03 12.13 -11.57
N TYR B 52 -10.43 11.43 -10.60
CA TYR B 52 -11.18 10.60 -9.63
C TYR B 52 -11.04 11.21 -8.22
N PHE B 53 -12.11 11.09 -7.44
CA PHE B 53 -12.11 11.43 -6.00
C PHE B 53 -12.63 10.27 -5.23
N TYR B 54 -12.19 10.19 -3.98
CA TYR B 54 -12.67 9.15 -3.09
C TYR B 54 -13.38 9.77 -1.89
N LEU B 55 -14.61 9.35 -1.69
CA LEU B 55 -15.37 9.76 -0.49
C LEU B 55 -15.29 8.61 0.52
N LYS B 56 -14.76 8.93 1.69
CA LYS B 56 -14.57 7.92 2.77
C LYS B 56 -15.89 7.68 3.51
N SER B 57 -15.78 6.85 4.50
CA SER B 57 -16.86 6.55 5.47
C SER B 57 -17.22 7.88 6.16
N GLY B 58 -18.51 8.23 6.21
CA GLY B 58 -19.00 9.53 6.72
C GLY B 58 -18.96 10.64 5.67
N GLY B 59 -18.53 10.30 4.46
CA GLY B 59 -18.57 11.19 3.28
C GLY B 59 -17.31 12.01 3.09
N TYR B 60 -16.40 12.00 4.04
CA TYR B 60 -15.25 12.97 3.98
C TYR B 60 -14.47 12.72 2.69
N MET B 61 -14.16 13.74 1.93
CA MET B 61 -13.31 13.54 0.75
C MET B 61 -11.91 13.09 1.23
N ALA B 62 -11.33 12.04 0.62
CA ALA B 62 -9.92 11.64 0.89
C ALA B 62 -9.04 12.74 0.33
N LYS B 63 -7.99 13.11 1.06
CA LYS B 63 -7.04 14.10 0.55
C LYS B 63 -5.69 13.87 1.21
N SER B 64 -4.63 13.97 0.40
CA SER B 64 -3.21 13.73 0.82
C SER B 64 -3.12 12.44 1.58
N GLU B 65 -3.67 11.38 0.99
CA GLU B 65 -3.73 10.10 1.70
C GLU B 65 -3.84 8.95 0.72
N TRP B 66 -3.42 7.81 1.22
CA TRP B 66 -3.57 6.52 0.56
C TRP B 66 -4.90 5.88 0.95
N VAL B 67 -5.58 5.32 -0.02
N VAL B 67 -5.60 5.33 -0.01
CA VAL B 67 -6.79 4.47 0.21
CA VAL B 67 -6.82 4.51 0.19
C VAL B 67 -6.52 3.13 -0.47
C VAL B 67 -6.58 3.15 -0.49
N GLU B 68 -7.04 2.07 0.13
CA GLU B 68 -7.04 0.71 -0.50
C GLU B 68 -8.44 0.47 -1.08
N ASP B 69 -8.52 0.08 -2.34
CA ASP B 69 -9.75 -0.36 -3.01
C ASP B 69 -9.45 -1.62 -3.83
N LYS B 70 -10.10 -2.72 -3.48
CA LYS B 70 -10.03 -4.00 -4.25
C LYS B 70 -8.57 -4.44 -4.22
N GLY B 71 -7.89 -4.23 -3.09
CA GLY B 71 -6.52 -4.76 -2.91
C GLY B 71 -5.48 -3.85 -3.56
N ALA B 72 -5.87 -2.78 -4.24
CA ALA B 72 -4.94 -1.81 -4.84
C ALA B 72 -4.90 -0.56 -3.97
N PHE B 73 -3.73 0.04 -3.88
CA PHE B 73 -3.52 1.34 -3.17
C PHE B 73 -3.56 2.50 -4.14
N TYR B 74 -4.29 3.54 -3.74
CA TYR B 74 -4.50 4.78 -4.54
C TYR B 74 -4.17 6.01 -3.67
N TYR B 75 -3.45 6.99 -4.24
CA TYR B 75 -3.11 8.22 -3.51
C TYR B 75 -4.00 9.37 -4.00
N LEU B 76 -4.71 10.03 -3.09
CA LEU B 76 -5.40 11.32 -3.37
C LEU B 76 -4.50 12.48 -2.94
N ASP B 77 -4.34 13.46 -3.85
CA ASP B 77 -3.58 14.71 -3.61
C ASP B 77 -4.33 15.67 -2.67
N GLN B 78 -3.73 16.83 -2.36
CA GLN B 78 -4.30 17.76 -1.34
C GLN B 78 -5.62 18.36 -1.81
N ASP B 79 -6.00 18.25 -3.09
CA ASP B 79 -7.31 18.63 -3.67
C ASP B 79 -8.27 17.43 -3.80
N GLY B 80 -7.88 16.26 -3.32
CA GLY B 80 -8.71 15.04 -3.42
C GLY B 80 -8.54 14.28 -4.73
N LYS B 81 -7.76 14.81 -5.67
CA LYS B 81 -7.61 14.22 -7.02
C LYS B 81 -6.66 13.02 -6.95
N MET B 82 -7.15 11.87 -7.38
CA MET B 82 -6.32 10.64 -7.49
C MET B 82 -5.11 10.92 -8.39
N LYS B 83 -3.89 10.74 -7.87
CA LYS B 83 -2.63 10.79 -8.62
C LYS B 83 -2.53 9.68 -9.66
N ARG B 84 -1.95 10.01 -10.81
CA ARG B 84 -1.69 9.02 -11.92
C ARG B 84 -0.28 9.26 -12.47
N ASN B 85 0.45 8.20 -12.81
CA ASN B 85 1.77 8.26 -13.49
C ASN B 85 2.73 9.14 -12.68
N ALA B 86 2.99 8.79 -11.41
CA ALA B 86 3.84 9.63 -10.54
C ALA B 86 4.44 8.78 -9.42
N TRP B 87 5.61 9.18 -8.99
CA TRP B 87 6.20 8.73 -7.73
C TRP B 87 5.42 9.43 -6.60
N VAL B 88 4.87 8.66 -5.70
CA VAL B 88 4.40 9.21 -4.41
C VAL B 88 5.29 8.61 -3.33
N GLY B 89 6.24 9.39 -2.79
CA GLY B 89 7.35 8.87 -1.97
C GLY B 89 8.07 7.76 -2.75
N THR B 90 8.19 6.57 -2.19
CA THR B 90 8.93 5.47 -2.85
C THR B 90 8.00 4.61 -3.69
N SER B 91 6.71 4.95 -3.79
CA SER B 91 5.69 4.19 -4.56
C SER B 91 5.52 4.87 -5.89
N TYR B 92 5.09 4.12 -6.88
CA TYR B 92 4.75 4.66 -8.22
C TYR B 92 3.33 4.27 -8.49
N VAL B 93 2.54 5.27 -8.79
CA VAL B 93 1.12 5.02 -9.20
C VAL B 93 1.07 5.12 -10.73
N GLY B 94 0.38 4.18 -11.34
CA GLY B 94 0.37 4.00 -12.82
C GLY B 94 -0.82 4.75 -13.39
N ALA B 95 -1.24 4.32 -14.57
CA ALA B 95 -2.24 5.02 -15.44
C ALA B 95 -3.62 5.05 -14.77
N THR B 96 -3.97 4.00 -14.03
CA THR B 96 -5.29 3.84 -13.39
C THR B 96 -5.26 4.46 -12.00
N GLY B 97 -4.10 4.93 -11.54
CA GLY B 97 -3.87 5.43 -10.17
C GLY B 97 -3.41 4.38 -9.19
N ALA B 98 -3.51 3.10 -9.56
CA ALA B 98 -3.11 1.99 -8.65
C ALA B 98 -1.59 1.98 -8.45
N LYS B 99 -1.16 1.82 -7.22
CA LYS B 99 0.28 1.63 -6.96
C LYS B 99 0.75 0.41 -7.76
N VAL B 100 1.79 0.60 -8.54
CA VAL B 100 2.29 -0.47 -9.43
C VAL B 100 3.03 -1.47 -8.58
N ILE B 101 2.75 -2.74 -8.77
CA ILE B 101 3.60 -3.79 -8.19
C ILE B 101 3.81 -4.93 -9.18
N GLU B 102 4.97 -5.57 -9.09
CA GLU B 102 5.37 -6.65 -10.01
C GLU B 102 5.24 -6.15 -11.45
N ASP B 103 5.89 -5.05 -11.78
CA ASP B 103 5.78 -4.50 -13.14
C ASP B 103 6.79 -3.42 -13.40
N TRP B 104 7.01 -3.25 -14.67
CA TRP B 104 7.89 -2.23 -15.28
C TRP B 104 7.25 -0.86 -15.19
N VAL B 105 8.07 0.14 -14.97
CA VAL B 105 7.63 1.54 -15.02
C VAL B 105 8.60 2.27 -15.92
N TYR B 106 8.11 2.87 -16.99
CA TYR B 106 8.94 3.86 -17.73
C TYR B 106 8.56 5.23 -17.21
N ASP B 107 9.53 5.97 -16.71
CA ASP B 107 9.34 7.33 -16.24
C ASP B 107 10.06 8.23 -17.24
N SER B 108 9.30 9.04 -17.98
CA SER B 108 9.90 9.94 -19.01
C SER B 108 10.78 10.99 -18.33
N GLN B 109 10.56 11.30 -17.05
CA GLN B 109 11.33 12.38 -16.40
C GLN B 109 12.74 11.92 -16.10
N TYR B 110 12.98 10.61 -15.93
CA TYR B 110 14.35 10.09 -15.83
C TYR B 110 14.80 9.48 -17.14
N ASP B 111 13.91 9.42 -18.14
CA ASP B 111 14.06 8.64 -19.39
C ASP B 111 14.68 7.30 -19.03
N ALA B 112 14.01 6.53 -18.19
CA ALA B 112 14.55 5.32 -17.57
C ALA B 112 13.39 4.41 -17.19
N TRP B 113 13.71 3.14 -17.25
CA TRP B 113 12.87 2.03 -16.77
C TRP B 113 13.23 1.75 -15.30
N PHE B 114 12.21 1.36 -14.59
CA PHE B 114 12.27 0.85 -13.19
C PHE B 114 11.41 -0.40 -13.14
N TYR B 115 11.68 -1.24 -12.16
CA TYR B 115 10.86 -2.42 -11.90
C TYR B 115 10.42 -2.34 -10.44
N ILE B 116 9.11 -2.39 -10.23
CA ILE B 116 8.55 -2.54 -8.89
C ILE B 116 8.36 -4.03 -8.64
N LYS B 117 9.03 -4.51 -7.60
CA LYS B 117 8.94 -5.92 -7.19
C LYS B 117 7.49 -6.18 -6.69
N ALA B 118 7.08 -7.44 -6.62
CA ALA B 118 5.76 -7.79 -6.04
C ALA B 118 5.63 -7.09 -4.69
N ASP B 119 6.73 -6.93 -3.93
CA ASP B 119 6.69 -6.39 -2.55
C ASP B 119 6.51 -4.87 -2.55
N GLY B 120 6.27 -4.21 -3.68
CA GLY B 120 5.94 -2.78 -3.69
C GLY B 120 7.18 -1.90 -3.72
N GLN B 121 8.40 -2.48 -3.67
CA GLN B 121 9.65 -1.63 -3.65
C GLN B 121 10.34 -1.68 -5.00
N HIS B 122 10.93 -0.56 -5.45
CA HIS B 122 11.65 -0.59 -6.73
C HIS B 122 12.91 -1.45 -6.56
N ALA B 123 13.24 -2.19 -7.59
CA ALA B 123 14.51 -2.96 -7.66
C ALA B 123 15.59 -1.92 -7.45
N GLU B 124 16.64 -2.33 -6.74
CA GLU B 124 17.64 -1.33 -6.31
C GLU B 124 19.00 -2.02 -6.28
N LYS B 125 19.94 -1.48 -7.04
CA LYS B 125 21.35 -1.87 -7.02
C LYS B 125 21.43 -3.40 -6.99
N GLU B 126 20.79 -4.05 -7.95
CA GLU B 126 20.77 -5.52 -7.92
C GLU B 126 20.33 -6.10 -9.26
N TRP B 127 20.63 -7.38 -9.43
CA TRP B 127 20.05 -8.23 -10.49
C TRP B 127 18.67 -8.68 -10.05
N LEU B 128 17.76 -8.79 -10.99
CA LEU B 128 16.50 -9.50 -10.73
C LEU B 128 16.25 -10.35 -11.95
N GLN B 129 15.65 -11.49 -11.74
CA GLN B 129 15.16 -12.32 -12.85
C GLN B 129 13.67 -12.05 -13.07
N ILE B 130 13.28 -11.53 -14.22
CA ILE B 130 11.89 -11.08 -14.46
C ILE B 130 11.40 -11.86 -15.66
N LYS B 131 10.45 -12.73 -15.46
CA LYS B 131 9.90 -13.56 -16.56
C LYS B 131 11.05 -14.37 -17.19
N GLY B 132 11.95 -14.88 -16.37
CA GLY B 132 13.00 -15.77 -16.85
C GLY B 132 14.19 -15.04 -17.41
N LYS B 133 14.24 -13.70 -17.41
CA LYS B 133 15.43 -12.98 -17.93
C LYS B 133 16.07 -12.15 -16.84
N ASP B 134 17.34 -11.87 -16.99
CA ASP B 134 18.14 -11.19 -15.95
C ASP B 134 18.30 -9.70 -16.34
N TYR B 135 18.00 -8.84 -15.40
CA TYR B 135 18.06 -7.38 -15.54
C TYR B 135 18.76 -6.82 -14.31
N TYR B 136 19.53 -5.79 -14.53
CA TYR B 136 20.34 -5.10 -13.48
C TYR B 136 19.84 -3.68 -13.32
N PHE B 137 19.56 -3.35 -12.07
CA PHE B 137 19.05 -2.03 -11.63
C PHE B 137 20.13 -1.37 -10.81
N LYS B 138 20.52 -0.16 -11.19
CA LYS B 138 21.60 0.52 -10.43
C LYS B 138 20.95 1.24 -9.24
N SER B 139 21.73 1.82 -8.33
CA SER B 139 21.23 2.65 -7.22
C SER B 139 20.31 3.75 -7.75
N GLY B 140 19.19 3.98 -7.11
CA GLY B 140 18.14 4.86 -7.65
C GLY B 140 17.11 4.05 -8.42
N GLY B 141 17.43 2.80 -8.81
CA GLY B 141 16.44 1.96 -9.47
C GLY B 141 16.54 1.87 -10.98
N TYR B 142 17.41 2.63 -11.64
CA TYR B 142 17.42 2.80 -13.12
C TYR B 142 17.87 1.49 -13.74
N LEU B 143 17.09 0.97 -14.65
CA LEU B 143 17.49 -0.24 -15.42
C LEU B 143 18.71 0.09 -16.26
N LEU B 144 19.76 -0.73 -16.21
CA LEU B 144 20.92 -0.54 -17.13
C LEU B 144 20.60 -1.26 -18.46
N THR B 145 20.94 -0.60 -19.56
CA THR B 145 20.66 -1.06 -20.95
C THR B 145 21.88 -0.85 -21.82
N SER B 146 22.12 -1.81 -22.70
CA SER B 146 23.14 -1.71 -23.78
C SER B 146 24.50 -1.37 -23.16
N GLN B 147 24.97 -2.24 -22.27
CA GLN B 147 26.31 -2.12 -21.69
C GLN B 147 26.75 -3.39 -20.98
N TRP B 148 28.05 -3.42 -20.75
CA TRP B 148 28.70 -4.55 -20.04
C TRP B 148 28.46 -4.34 -18.56
N ILE B 149 28.11 -5.38 -17.84
CA ILE B 149 28.16 -5.38 -16.36
C ILE B 149 29.00 -6.59 -15.99
N ASN B 150 30.22 -6.32 -15.53
CA ASN B 150 31.21 -7.39 -15.30
C ASN B 150 31.41 -8.06 -16.64
N GLN B 151 31.24 -9.38 -16.69
CA GLN B 151 31.49 -10.16 -17.93
C GLN B 151 30.17 -10.35 -18.69
N ALA B 152 29.03 -9.89 -18.17
CA ALA B 152 27.73 -10.00 -18.88
C ALA B 152 27.47 -8.72 -19.73
N TYR B 153 26.63 -8.86 -20.75
CA TYR B 153 26.16 -7.76 -21.58
C TYR B 153 24.65 -7.72 -21.51
N VAL B 154 24.11 -6.55 -21.23
CA VAL B 154 22.66 -6.35 -21.18
C VAL B 154 22.27 -5.56 -22.43
N ASN B 155 21.20 -6.02 -23.09
CA ASN B 155 20.83 -5.47 -24.40
C ASN B 155 19.99 -4.20 -24.20
N ALA B 156 19.40 -3.72 -25.29
CA ALA B 156 18.71 -2.42 -25.28
C ALA B 156 17.46 -2.56 -24.40
N SER B 157 16.94 -3.77 -24.20
N SER B 157 16.99 -3.79 -24.17
CA SER B 157 15.75 -4.03 -23.35
CA SER B 157 15.80 -4.08 -23.36
C SER B 157 16.22 -4.19 -21.89
C SER B 157 16.22 -4.25 -21.89
N GLY B 158 17.53 -4.26 -21.68
CA GLY B 158 18.14 -4.53 -20.38
C GLY B 158 18.34 -6.00 -20.05
N ALA B 159 17.88 -6.95 -20.88
CA ALA B 159 18.04 -8.39 -20.63
C ALA B 159 19.50 -8.76 -20.84
N LYS B 160 20.05 -9.51 -19.91
CA LYS B 160 21.35 -10.16 -20.09
C LYS B 160 21.31 -11.03 -21.36
N VAL B 161 22.29 -10.85 -22.24
CA VAL B 161 22.36 -11.62 -23.51
C VAL B 161 22.97 -13.01 -23.21
N GLN B 162 22.42 -14.06 -23.77
CA GLN B 162 22.73 -15.44 -23.34
C GLN B 162 23.89 -15.95 -24.18
N GLN B 163 23.95 -15.59 -25.48
CA GLN B 163 24.84 -16.27 -26.44
C GLN B 163 24.95 -15.41 -27.71
N GLY B 164 26.07 -15.44 -28.40
CA GLY B 164 26.11 -14.91 -29.79
C GLY B 164 27.07 -13.76 -29.95
N TRP B 165 27.09 -13.24 -31.15
CA TRP B 165 28.01 -12.16 -31.58
C TRP B 165 27.48 -10.79 -31.09
N LEU B 166 28.38 -9.93 -30.65
CA LEU B 166 28.07 -8.55 -30.29
C LEU B 166 29.18 -7.69 -30.81
N PHE B 167 28.80 -6.66 -31.56
CA PHE B 167 29.75 -5.63 -31.95
C PHE B 167 29.73 -4.51 -30.90
N ASP B 168 30.80 -4.30 -30.15
CA ASP B 168 30.88 -3.18 -29.17
C ASP B 168 31.38 -1.94 -29.93
N LYS B 169 30.62 -0.85 -29.85
CA LYS B 169 30.94 0.42 -30.55
C LYS B 169 32.06 1.18 -29.82
N GLN B 170 32.15 1.09 -28.49
CA GLN B 170 33.26 1.74 -27.73
C GLN B 170 34.60 1.23 -28.28
N TYR B 171 34.79 -0.09 -28.38
CA TYR B 171 36.04 -0.68 -28.96
C TYR B 171 35.91 -0.86 -30.47
N GLN B 172 34.72 -0.74 -31.05
CA GLN B 172 34.49 -1.07 -32.48
C GLN B 172 35.15 -2.43 -32.77
N SER B 173 34.84 -3.43 -31.94
CA SER B 173 35.36 -4.81 -32.06
C SER B 173 34.23 -5.80 -31.81
N TRP B 174 34.35 -6.99 -32.41
CA TRP B 174 33.40 -8.12 -32.25
C TRP B 174 33.79 -8.95 -31.02
N PHE B 175 32.81 -9.28 -30.20
CA PHE B 175 32.92 -10.12 -29.00
C PHE B 175 31.96 -11.26 -29.24
N TYR B 176 32.34 -12.42 -28.75
CA TYR B 176 31.44 -13.58 -28.81
C TYR B 176 31.02 -13.85 -27.39
N ILE B 177 29.73 -13.86 -27.13
CA ILE B 177 29.23 -14.20 -25.78
C ILE B 177 28.92 -15.70 -25.74
N LYS B 178 29.52 -16.40 -24.80
CA LYS B 178 29.38 -17.88 -24.68
C LYS B 178 28.14 -18.22 -23.82
N GLU B 179 27.71 -19.49 -23.75
CA GLU B 179 26.54 -19.91 -22.92
C GLU B 179 26.96 -19.83 -21.44
N ASN B 180 28.10 -19.20 -21.13
CA ASN B 180 28.48 -18.76 -19.75
C ASN B 180 27.94 -17.36 -19.42
N GLY B 181 27.06 -16.80 -20.26
CA GLY B 181 26.74 -15.35 -20.25
C GLY B 181 27.99 -14.47 -20.40
N ASN B 182 29.17 -15.05 -20.66
CA ASN B 182 30.49 -14.36 -20.57
C ASN B 182 31.17 -14.24 -21.95
N TYR B 183 31.87 -13.12 -22.19
CA TYR B 183 32.76 -12.94 -23.37
C TYR B 183 33.98 -13.85 -23.30
#